data_4MGM
#
_entry.id   4MGM
#
_cell.length_a   161.233
_cell.length_b   28.409
_cell.length_c   132.939
_cell.angle_alpha   90.00
_cell.angle_beta   110.69
_cell.angle_gamma   90.00
#
_symmetry.space_group_name_H-M   'C 1 2 1'
#
loop_
_entity.id
_entity.type
_entity.pdbx_description
1 polymer 'tRNA glycine'
2 non-polymer 'MAGNESIUM ION'
#
_entity_poly.entity_id   1
_entity_poly.type   'polyribonucleotide'
_entity_poly.pdbx_seq_one_letter_code
;GCGGAAGUAGUUCAGUGGUAGAACACCACCUUGCCAAGGUGGGGGUCGCGGGUUCGAGUCCCGUCUUCCGCUCCA
;
_entity_poly.pdbx_strand_id   A,B
#
loop_
_chem_comp.id
_chem_comp.type
_chem_comp.name
_chem_comp.formula
A RNA linking ADENOSINE-5'-MONOPHOSPHATE 'C10 H14 N5 O7 P'
C RNA linking CYTIDINE-5'-MONOPHOSPHATE 'C9 H14 N3 O8 P'
G RNA linking GUANOSINE-5'-MONOPHOSPHATE 'C10 H14 N5 O8 P'
MG non-polymer 'MAGNESIUM ION' 'Mg 2'
U RNA linking URIDINE-5'-MONOPHOSPHATE 'C9 H13 N2 O9 P'
#
# COMPACT_ATOMS: atom_id res chain seq x y z
MG MG C . 1.83 -12.96 11.68
MG MG D . -12.28 -8.68 17.82
MG MG E . -2.64 -23.57 12.49
MG MG F . -12.65 -22.26 16.78
MG MG G . -9.76 -10.86 28.43
MG MG H . -11.13 8.67 -14.23
MG MG I . 16.16 2.91 -25.06
MG MG J . -4.03 9.02 3.81
MG MG K . -1.56 3.64 4.45
MG MG L . -14.81 2.22 -3.31
MG MG M . 15.70 5.49 -30.85
MG MG N . 11.28 11.43 -21.09
MG MG O . 10.08 20.13 0.22
MG MG P . 13.80 14.82 -1.14
#